data_4AV1
#
_entry.id   4AV1
#
_cell.length_a   163.978
_cell.length_b   59.504
_cell.length_c   61.582
_cell.angle_alpha   90.00
_cell.angle_beta   101.18
_cell.angle_gamma   90.00
#
_symmetry.space_group_name_H-M   'C 1 2 1'
#
loop_
_entity.id
_entity.type
_entity.pdbx_description
1 polymer 'POLY [ADP-RIBOSE] POLYMERASE 1'
2 polymer "5'-D(*AP*AP*GP*TP*GP*TP*TP*GP*CP*AP*TP*TP)-3'"
3 polymer "5'-D(*TP*AP*AP*TP*GP*CP*AP*AP*CP*AP*CP*TP)-3'"
4 non-polymer 'ZINC ION'
5 water water
#
loop_
_entity_poly.entity_id
_entity_poly.type
_entity_poly.pdbx_seq_one_letter_code
_entity_poly.pdbx_strand_id
1 'polypeptide(L)'
;MASWSHPQFEKGALEVLFQGPLGSHSDKLYRVEYAKSGRASCKKCSESIPKDSLRMAIMVQSPMFDGKVPHWYHFSCFWK
VGHSIRHPDVEVDGFSELRWDDQQKVKKTAEAGGVTGKGQDGIGSKAEKTLGDFAAEYAKSNRSTCKGCMEKIEKGQVRL
SKKMVDPEKPQLGMIDRWYHPGCFVKNREELGFRPEYSASQLKGFSLLATEDKEALKKQLPGV
;
A,B,C,D
2 'polydeoxyribonucleotide' (DA)(DA)(DG)(DT)(DG)(DT)(DT)(DG)(DC)(DA)(DT)(DT) X
3 'polydeoxyribonucleotide' (DT)(DA)(DA)(DT)(DG)(DC)(DA)(DA)(DC)(DA)(DC)(DT) Y
#
loop_
_chem_comp.id
_chem_comp.type
_chem_comp.name
_chem_comp.formula
DA DNA linking 2'-DEOXYADENOSINE-5'-MONOPHOSPHATE 'C10 H14 N5 O6 P'
DC DNA linking 2'-DEOXYCYTIDINE-5'-MONOPHOSPHATE 'C9 H14 N3 O7 P'
DG DNA linking 2'-DEOXYGUANOSINE-5'-MONOPHOSPHATE 'C10 H14 N5 O7 P'
DT DNA linking THYMIDINE-5'-MONOPHOSPHATE 'C10 H15 N2 O8 P'
ZN non-polymer 'ZINC ION' 'Zn 2'
#
# COMPACT_ATOMS: atom_id res chain seq x y z
N ASP A 27 -23.91 -24.46 -13.32
CA ASP A 27 -24.77 -25.09 -12.33
C ASP A 27 -24.26 -26.49 -11.96
N LYS A 28 -22.95 -26.61 -11.83
CA LYS A 28 -22.33 -27.88 -11.45
C LYS A 28 -21.83 -27.83 -10.00
N LEU A 29 -21.55 -28.99 -9.43
CA LEU A 29 -21.15 -29.09 -8.04
C LEU A 29 -19.79 -28.45 -7.77
N TYR A 30 -18.92 -28.47 -8.78
CA TYR A 30 -17.56 -27.95 -8.64
C TYR A 30 -17.23 -26.92 -9.72
N ARG A 31 -16.18 -26.15 -9.48
CA ARG A 31 -15.68 -25.19 -10.46
C ARG A 31 -14.17 -25.04 -10.35
N VAL A 32 -13.53 -24.78 -11.48
CA VAL A 32 -12.08 -24.58 -11.51
C VAL A 32 -11.71 -23.45 -12.46
N GLU A 33 -10.69 -22.68 -12.09
CA GLU A 33 -10.23 -21.58 -12.92
C GLU A 33 -8.93 -21.00 -12.38
N TYR A 34 -8.39 -20.00 -13.08
CA TYR A 34 -7.21 -19.29 -12.63
C TYR A 34 -7.64 -18.08 -11.81
N ALA A 35 -7.23 -18.05 -10.55
CA ALA A 35 -7.63 -16.99 -9.63
C ALA A 35 -7.74 -15.64 -10.31
N LYS A 36 -8.96 -15.12 -10.41
CA LYS A 36 -9.19 -13.84 -11.08
C LYS A 36 -8.59 -12.72 -10.25
N SER A 37 -8.23 -13.04 -9.00
CA SER A 37 -7.57 -12.09 -8.13
C SER A 37 -6.88 -12.82 -6.99
N GLY A 38 -5.91 -12.17 -6.37
CA GLY A 38 -5.15 -12.77 -5.29
C GLY A 38 -5.74 -12.52 -3.91
N ARG A 39 -7.01 -12.16 -3.86
CA ARG A 39 -7.67 -11.90 -2.57
C ARG A 39 -8.44 -13.12 -2.09
N ALA A 40 -8.41 -14.20 -2.87
CA ALA A 40 -9.09 -15.43 -2.50
C ALA A 40 -8.37 -16.07 -1.31
N SER A 41 -9.04 -16.99 -0.62
CA SER A 41 -8.45 -17.66 0.53
C SER A 41 -8.88 -19.11 0.65
N CYS A 42 -7.90 -20.01 0.71
CA CYS A 42 -8.17 -21.44 0.87
C CYS A 42 -8.93 -21.70 2.17
N LYS A 43 -9.97 -22.53 2.08
CA LYS A 43 -10.78 -22.85 3.25
C LYS A 43 -10.13 -23.93 4.11
N LYS A 44 -9.01 -24.46 3.64
CA LYS A 44 -8.29 -25.51 4.37
C LYS A 44 -7.20 -24.93 5.25
N CYS A 45 -6.20 -24.32 4.63
CA CYS A 45 -5.06 -23.76 5.35
C CYS A 45 -5.26 -22.28 5.66
N SER A 46 -6.35 -21.71 5.17
CA SER A 46 -6.66 -20.30 5.39
C SER A 46 -5.57 -19.38 4.87
N GLU A 47 -4.91 -19.80 3.79
CA GLU A 47 -3.86 -19.00 3.17
C GLU A 47 -4.36 -18.32 1.91
N SER A 48 -3.65 -17.30 1.46
CA SER A 48 -4.03 -16.58 0.25
C SER A 48 -3.78 -17.42 -1.00
N ILE A 49 -4.38 -17.01 -2.11
CA ILE A 49 -4.21 -17.70 -3.39
C ILE A 49 -3.70 -16.75 -4.46
N PRO A 50 -2.56 -17.09 -5.09
CA PRO A 50 -1.91 -16.29 -6.13
C PRO A 50 -2.89 -15.79 -7.20
N LYS A 51 -2.51 -14.72 -7.88
CA LYS A 51 -3.39 -14.06 -8.84
C LYS A 51 -3.60 -14.90 -10.11
N ASP A 52 -2.97 -16.06 -10.18
CA ASP A 52 -3.12 -16.93 -11.35
C ASP A 52 -2.95 -18.40 -11.01
N SER A 53 -2.97 -18.72 -9.72
CA SER A 53 -2.84 -20.10 -9.27
C SER A 53 -4.05 -20.94 -9.65
N LEU A 54 -3.88 -22.25 -9.66
CA LEU A 54 -4.97 -23.16 -9.98
C LEU A 54 -5.80 -23.44 -8.73
N ARG A 55 -6.98 -22.83 -8.67
CA ARG A 55 -7.87 -22.97 -7.52
C ARG A 55 -9.13 -23.76 -7.89
N MET A 56 -9.56 -24.63 -6.98
CA MET A 56 -10.80 -25.38 -7.16
C MET A 56 -11.74 -25.12 -6.00
N ALA A 57 -12.99 -24.83 -6.32
CA ALA A 57 -13.99 -24.51 -5.29
C ALA A 57 -15.12 -25.52 -5.24
N ILE A 58 -15.78 -25.59 -4.09
CA ILE A 58 -16.97 -26.43 -3.94
C ILE A 58 -18.18 -25.53 -3.82
N MET A 59 -19.17 -25.75 -4.69
CA MET A 59 -20.37 -24.92 -4.69
C MET A 59 -21.30 -25.29 -3.54
N VAL A 60 -21.56 -24.32 -2.66
CA VAL A 60 -22.41 -24.53 -1.50
C VAL A 60 -23.57 -23.53 -1.49
N GLN A 61 -24.68 -23.94 -0.90
CA GLN A 61 -25.86 -23.08 -0.81
C GLN A 61 -25.60 -21.88 0.10
N SER A 62 -26.14 -20.74 -0.29
CA SER A 62 -25.99 -19.49 0.46
C SER A 62 -27.31 -19.02 1.04
N PRO A 63 -27.35 -18.81 2.37
CA PRO A 63 -28.54 -18.34 3.08
C PRO A 63 -28.70 -16.83 2.94
N MET A 64 -28.10 -16.24 1.92
CA MET A 64 -28.09 -14.78 1.78
C MET A 64 -28.87 -14.28 0.57
N PHE A 65 -28.79 -15.00 -0.54
CA PHE A 65 -29.42 -14.54 -1.77
C PHE A 65 -30.02 -15.67 -2.59
N ASP A 66 -30.20 -16.83 -1.95
CA ASP A 66 -30.77 -17.97 -2.66
C ASP A 66 -29.91 -18.31 -3.87
N GLY A 67 -28.72 -18.84 -3.60
CA GLY A 67 -27.80 -19.19 -4.68
C GLY A 67 -26.53 -19.85 -4.17
N LYS A 68 -25.78 -20.45 -5.09
CA LYS A 68 -24.54 -21.12 -4.78
C LYS A 68 -23.38 -20.14 -4.64
N VAL A 69 -22.44 -20.48 -3.77
CA VAL A 69 -21.30 -19.62 -3.51
C VAL A 69 -20.02 -20.46 -3.42
N PRO A 70 -18.97 -20.02 -4.13
CA PRO A 70 -17.70 -20.76 -4.26
C PRO A 70 -16.93 -20.86 -2.94
N HIS A 71 -16.45 -22.07 -2.64
CA HIS A 71 -15.54 -22.29 -1.52
C HIS A 71 -14.17 -22.66 -2.05
N TRP A 72 -13.33 -21.64 -2.27
CA TRP A 72 -12.05 -21.85 -2.94
C TRP A 72 -11.02 -22.60 -2.09
N TYR A 73 -10.26 -23.47 -2.76
CA TYR A 73 -9.18 -24.21 -2.13
C TYR A 73 -7.93 -24.15 -3.00
N HIS A 74 -6.77 -24.44 -2.42
CA HIS A 74 -5.57 -24.62 -3.21
C HIS A 74 -5.68 -25.95 -3.95
N PHE A 75 -4.98 -26.08 -5.05
CA PHE A 75 -5.02 -27.31 -5.83
C PHE A 75 -4.72 -28.52 -4.96
N SER A 76 -3.75 -28.36 -4.06
CA SER A 76 -3.38 -29.43 -3.14
C SER A 76 -4.34 -29.51 -1.95
N CYS A 77 -4.81 -28.36 -1.50
CA CYS A 77 -5.73 -28.28 -0.37
C CYS A 77 -7.10 -28.85 -0.71
N PHE A 78 -7.45 -28.83 -2.00
CA PHE A 78 -8.76 -29.27 -2.45
C PHE A 78 -8.97 -30.76 -2.21
N TRP A 79 -8.02 -31.57 -2.68
CA TRP A 79 -8.12 -33.02 -2.55
C TRP A 79 -7.83 -33.47 -1.12
N LYS A 80 -7.43 -32.52 -0.28
CA LYS A 80 -7.10 -32.80 1.11
C LYS A 80 -8.34 -32.91 1.98
N VAL A 81 -9.36 -32.11 1.68
CA VAL A 81 -10.59 -32.11 2.47
C VAL A 81 -11.43 -33.36 2.22
N GLY A 82 -10.91 -34.26 1.37
CA GLY A 82 -11.56 -35.53 1.11
C GLY A 82 -12.70 -35.43 0.11
N HIS A 83 -12.35 -35.26 -1.16
CA HIS A 83 -13.35 -35.20 -2.23
C HIS A 83 -12.94 -36.05 -3.43
N SER A 84 -13.66 -37.14 -3.64
CA SER A 84 -13.37 -38.07 -4.74
C SER A 84 -14.24 -37.78 -5.96
N ILE A 85 -13.62 -37.28 -7.02
CA ILE A 85 -14.32 -37.01 -8.27
C ILE A 85 -13.99 -38.05 -9.33
N ARG A 86 -15.03 -38.69 -9.86
CA ARG A 86 -14.86 -39.71 -10.89
C ARG A 86 -14.35 -39.08 -12.19
N HIS A 87 -15.22 -38.37 -12.88
CA HIS A 87 -14.87 -37.72 -14.13
C HIS A 87 -14.97 -36.20 -14.02
N PRO A 88 -13.83 -35.54 -13.76
CA PRO A 88 -13.74 -34.09 -13.57
C PRO A 88 -14.25 -33.30 -14.77
N ASP A 89 -13.94 -33.78 -15.97
CA ASP A 89 -14.30 -33.07 -17.19
C ASP A 89 -15.77 -32.68 -17.28
N VAL A 90 -16.63 -33.44 -16.61
CA VAL A 90 -18.06 -33.17 -16.64
C VAL A 90 -18.59 -32.65 -15.30
N GLU A 91 -18.05 -33.18 -14.21
CA GLU A 91 -18.48 -32.79 -12.88
C GLU A 91 -18.02 -31.38 -12.52
N VAL A 92 -16.84 -31.01 -13.01
CA VAL A 92 -16.27 -29.70 -12.73
C VAL A 92 -16.63 -28.69 -13.81
N ASP A 93 -17.06 -27.51 -13.39
CA ASP A 93 -17.46 -26.45 -14.31
C ASP A 93 -16.27 -25.61 -14.74
N GLY A 94 -16.17 -25.36 -16.04
CA GLY A 94 -15.08 -24.56 -16.58
C GLY A 94 -13.84 -25.40 -16.83
N PHE A 95 -14.01 -26.73 -16.78
CA PHE A 95 -12.90 -27.66 -16.99
C PHE A 95 -12.35 -27.53 -18.40
N SER A 96 -13.23 -27.41 -19.38
CA SER A 96 -12.83 -27.34 -20.78
C SER A 96 -12.32 -25.96 -21.16
N GLU A 97 -12.40 -25.02 -20.22
CA GLU A 97 -12.06 -23.63 -20.49
C GLU A 97 -10.77 -23.20 -19.80
N LEU A 98 -9.71 -23.96 -20.04
CA LEU A 98 -8.40 -23.63 -19.50
C LEU A 98 -7.28 -24.32 -20.27
N ARG A 99 -6.05 -23.84 -20.11
CA ARG A 99 -4.91 -24.38 -20.83
C ARG A 99 -4.91 -25.91 -20.81
N TRP A 100 -4.66 -26.50 -21.97
CA TRP A 100 -4.62 -27.95 -22.11
C TRP A 100 -3.73 -28.60 -21.06
N ASP A 101 -2.62 -27.94 -20.76
CA ASP A 101 -1.64 -28.45 -19.81
C ASP A 101 -2.25 -28.71 -18.44
N ASP A 102 -3.22 -27.87 -18.06
CA ASP A 102 -3.83 -27.94 -16.75
C ASP A 102 -4.91 -29.02 -16.64
N GLN A 103 -5.82 -29.04 -17.61
CA GLN A 103 -6.94 -30.00 -17.59
C GLN A 103 -6.45 -31.45 -17.53
N GLN A 104 -5.25 -31.69 -18.05
CA GLN A 104 -4.66 -33.02 -17.97
C GLN A 104 -4.14 -33.28 -16.57
N LYS A 105 -3.58 -32.24 -15.95
CA LYS A 105 -3.10 -32.34 -14.58
C LYS A 105 -4.26 -32.57 -13.62
N VAL A 106 -5.43 -32.05 -13.98
CA VAL A 106 -6.62 -32.23 -13.18
C VAL A 106 -7.16 -33.65 -13.30
N LYS A 107 -7.19 -34.16 -14.53
CA LYS A 107 -7.66 -35.51 -14.79
C LYS A 107 -6.70 -36.54 -14.18
N LYS A 108 -5.42 -36.19 -14.12
CA LYS A 108 -4.41 -37.07 -13.56
C LYS A 108 -4.58 -37.23 -12.05
N THR A 109 -4.44 -36.13 -11.33
CA THR A 109 -4.54 -36.16 -9.86
C THR A 109 -5.96 -36.44 -9.41
N ALA A 110 -6.87 -36.63 -10.36
CA ALA A 110 -8.27 -36.90 -10.05
C ALA A 110 -8.44 -38.26 -9.39
N GLU A 111 -7.95 -39.30 -10.05
CA GLU A 111 -8.06 -40.66 -9.54
C GLU A 111 -7.15 -40.89 -8.33
N ALA A 112 -6.18 -40.01 -8.16
CA ALA A 112 -5.24 -40.12 -7.05
C ALA A 112 -5.77 -39.40 -5.81
N GLU B 128 -20.45 -2.58 26.76
CA GLU B 128 -21.48 -3.15 27.63
C GLU B 128 -22.87 -2.68 27.21
N LYS B 129 -22.92 -1.60 26.42
CA LYS B 129 -24.18 -1.07 25.95
C LYS B 129 -24.07 -0.53 24.52
N THR B 130 -22.93 -0.77 23.89
CA THR B 130 -22.70 -0.28 22.54
C THR B 130 -23.28 -1.23 21.48
N LEU B 131 -23.98 -0.67 20.52
CA LEU B 131 -24.59 -1.43 19.44
C LEU B 131 -23.52 -2.17 18.62
N GLY B 132 -23.91 -3.31 18.05
CA GLY B 132 -22.99 -4.11 17.26
C GLY B 132 -23.07 -3.87 15.77
N ASP B 133 -24.27 -3.58 15.29
CA ASP B 133 -24.50 -3.38 13.85
C ASP B 133 -24.63 -1.91 13.48
N PHE B 134 -24.14 -1.03 14.34
CA PHE B 134 -24.14 0.41 14.06
C PHE B 134 -22.83 1.04 14.53
N ALA B 135 -22.03 1.50 13.57
CA ALA B 135 -20.71 2.05 13.88
C ALA B 135 -20.53 3.47 13.37
N ALA B 136 -19.52 4.16 13.91
CA ALA B 136 -19.22 5.53 13.50
C ALA B 136 -17.71 5.72 13.41
N GLU B 137 -17.26 6.38 12.35
CA GLU B 137 -15.84 6.63 12.16
C GLU B 137 -15.59 7.73 11.13
N TYR B 138 -14.33 8.13 11.00
CA TYR B 138 -13.94 9.14 10.02
C TYR B 138 -13.64 8.49 8.69
N ALA B 139 -14.15 9.09 7.61
CA ALA B 139 -13.97 8.56 6.27
C ALA B 139 -12.50 8.27 5.99
N LYS B 140 -12.17 7.00 5.81
CA LYS B 140 -10.79 6.61 5.53
C LYS B 140 -10.37 7.02 4.13
N SER B 141 -11.33 7.45 3.32
CA SER B 141 -11.08 7.88 1.95
C SER B 141 -12.22 8.72 1.42
N ASN B 142 -12.07 9.24 0.21
CA ASN B 142 -13.11 10.04 -0.42
C ASN B 142 -13.80 9.26 -1.54
N ARG B 143 -13.64 7.94 -1.49
CA ARG B 143 -14.24 7.11 -2.54
CA ARG B 143 -14.14 7.00 -2.50
C ARG B 143 -15.38 6.23 -2.03
N SER B 144 -15.86 6.54 -0.83
CA SER B 144 -17.02 5.84 -0.29
C SER B 144 -18.30 6.62 -0.54
N THR B 145 -19.35 5.92 -0.94
CA THR B 145 -20.62 6.57 -1.29
C THR B 145 -21.67 6.45 -0.19
N CYS B 146 -22.30 7.58 0.13
CA CYS B 146 -23.40 7.59 1.10
C CYS B 146 -24.65 6.99 0.47
N LYS B 147 -25.14 5.90 1.07
CA LYS B 147 -26.31 5.21 0.52
C LYS B 147 -27.61 5.87 0.94
N GLY B 148 -27.52 7.13 1.36
CA GLY B 148 -28.69 7.91 1.74
C GLY B 148 -28.97 9.03 0.75
N CYS B 149 -27.99 9.32 -0.09
CA CYS B 149 -28.11 10.37 -1.08
C CYS B 149 -27.31 10.04 -2.34
N MET B 150 -26.55 8.94 -2.26
CA MET B 150 -25.80 8.42 -3.40
C MET B 150 -24.69 9.36 -3.88
N GLU B 151 -24.16 10.19 -2.98
CA GLU B 151 -23.02 11.03 -3.31
C GLU B 151 -21.82 10.72 -2.40
N LYS B 152 -20.63 11.00 -2.91
CA LYS B 152 -19.40 10.63 -2.21
C LYS B 152 -19.24 11.30 -0.85
N ILE B 153 -18.54 10.60 0.05
CA ILE B 153 -18.24 11.13 1.37
C ILE B 153 -16.77 11.52 1.46
N GLU B 154 -16.50 12.81 1.60
CA GLU B 154 -15.13 13.32 1.64
C GLU B 154 -14.35 12.72 2.83
N LYS B 155 -13.06 12.47 2.61
CA LYS B 155 -12.21 11.89 3.63
C LYS B 155 -12.16 12.77 4.88
N GLY B 156 -12.06 12.14 6.04
CA GLY B 156 -12.02 12.86 7.30
C GLY B 156 -13.40 13.16 7.85
N GLN B 157 -14.37 13.25 6.95
CA GLN B 157 -15.75 13.51 7.34
C GLN B 157 -16.31 12.37 8.19
N VAL B 158 -17.11 12.73 9.19
CA VAL B 158 -17.75 11.73 10.04
C VAL B 158 -18.81 10.97 9.25
N ARG B 159 -18.84 9.65 9.41
CA ARG B 159 -19.81 8.83 8.70
C ARG B 159 -20.37 7.72 9.59
N LEU B 160 -21.63 7.39 9.38
CA LEU B 160 -22.28 6.32 10.12
C LEU B 160 -22.55 5.13 9.20
N SER B 161 -22.84 3.98 9.78
CA SER B 161 -23.08 2.78 8.98
C SER B 161 -23.97 1.78 9.70
N LYS B 162 -24.51 0.84 8.93
CA LYS B 162 -25.30 -0.26 9.46
C LYS B 162 -24.76 -1.58 8.92
N LYS B 163 -24.43 -2.50 9.80
CA LYS B 163 -23.93 -3.80 9.38
C LYS B 163 -25.03 -4.65 8.73
N MET B 164 -25.31 -4.36 7.46
CA MET B 164 -26.33 -5.08 6.73
C MET B 164 -25.76 -5.73 5.47
N VAL B 165 -26.58 -6.57 4.82
CA VAL B 165 -26.15 -7.28 3.63
C VAL B 165 -26.52 -6.52 2.36
N ASP B 166 -25.51 -6.02 1.65
CA ASP B 166 -25.73 -5.29 0.41
C ASP B 166 -26.44 -6.18 -0.61
N PRO B 167 -27.67 -5.81 -1.00
CA PRO B 167 -28.49 -6.59 -1.92
C PRO B 167 -27.82 -6.87 -3.26
N GLU B 168 -27.03 -5.92 -3.76
CA GLU B 168 -26.37 -6.07 -5.04
C GLU B 168 -25.11 -6.93 -4.95
N LYS B 169 -24.67 -7.18 -3.71
CA LYS B 169 -23.53 -8.06 -3.48
C LYS B 169 -23.74 -8.89 -2.22
N PRO B 170 -24.71 -9.82 -2.26
CA PRO B 170 -25.08 -10.65 -1.11
C PRO B 170 -24.01 -11.67 -0.77
N GLN B 171 -23.14 -11.99 -1.73
CA GLN B 171 -22.10 -12.98 -1.54
C GLN B 171 -21.11 -12.53 -0.46
N LEU B 172 -21.02 -11.22 -0.25
CA LEU B 172 -20.10 -10.67 0.74
C LEU B 172 -20.70 -10.77 2.14
N GLY B 173 -22.00 -10.97 2.22
CA GLY B 173 -22.70 -11.05 3.48
C GLY B 173 -22.78 -9.70 4.17
N MET B 174 -23.01 -9.72 5.47
CA MET B 174 -23.10 -8.48 6.25
C MET B 174 -21.82 -7.66 6.15
N ILE B 175 -21.94 -6.45 5.63
CA ILE B 175 -20.81 -5.53 5.53
C ILE B 175 -21.18 -4.15 6.06
N ASP B 176 -20.49 -3.13 5.58
CA ASP B 176 -20.76 -1.76 6.00
C ASP B 176 -21.31 -0.90 4.87
N ARG B 177 -22.46 -0.28 5.11
CA ARG B 177 -23.03 0.67 4.19
C ARG B 177 -23.10 2.03 4.88
N TRP B 178 -22.43 3.02 4.29
CA TRP B 178 -22.23 4.30 4.96
C TRP B 178 -23.23 5.38 4.57
N TYR B 179 -23.49 6.29 5.51
CA TYR B 179 -24.35 7.43 5.27
C TYR B 179 -23.76 8.67 5.93
N HIS B 180 -24.11 9.85 5.42
CA HIS B 180 -23.77 11.08 6.12
C HIS B 180 -24.55 11.10 7.43
N PRO B 181 -23.99 11.75 8.46
CA PRO B 181 -24.68 11.85 9.75
C PRO B 181 -26.10 12.37 9.57
N GLY B 182 -26.28 13.28 8.63
CA GLY B 182 -27.61 13.83 8.34
C GLY B 182 -28.48 12.87 7.58
N CYS B 183 -27.91 12.22 6.57
CA CYS B 183 -28.64 11.24 5.77
C CYS B 183 -29.06 10.05 6.62
N PHE B 184 -28.28 9.78 7.67
CA PHE B 184 -28.57 8.66 8.57
C PHE B 184 -29.76 8.96 9.47
N VAL B 185 -29.73 10.11 10.14
CA VAL B 185 -30.80 10.50 11.03
C VAL B 185 -32.11 10.71 10.29
N LYS B 186 -32.00 11.02 9.00
CA LYS B 186 -33.18 11.21 8.15
C LYS B 186 -33.87 9.89 7.90
N ASN B 187 -33.11 8.80 8.04
CA ASN B 187 -33.66 7.46 7.85
C ASN B 187 -33.48 6.61 9.11
N ARG B 188 -33.50 7.26 10.27
CA ARG B 188 -33.30 6.57 11.54
C ARG B 188 -34.28 5.41 11.71
N GLU B 189 -35.54 5.65 11.37
CA GLU B 189 -36.58 4.65 11.52
C GLU B 189 -36.38 3.47 10.58
N GLU B 190 -36.24 3.76 9.28
CA GLU B 190 -36.12 2.72 8.27
C GLU B 190 -34.83 1.92 8.43
N LEU B 191 -33.81 2.55 9.00
CA LEU B 191 -32.52 1.87 9.21
C LEU B 191 -32.55 1.01 10.47
N GLY B 192 -33.62 1.12 11.24
CA GLY B 192 -33.78 0.32 12.45
C GLY B 192 -32.99 0.84 13.63
N PHE B 193 -32.71 2.14 13.63
CA PHE B 193 -32.03 2.77 14.75
C PHE B 193 -33.07 3.24 15.76
N ARG B 194 -33.58 2.31 16.55
CA ARG B 194 -34.63 2.57 17.52
C ARG B 194 -34.33 3.79 18.38
N PRO B 195 -35.39 4.51 18.80
CA PRO B 195 -35.27 5.65 19.71
C PRO B 195 -34.67 5.22 21.05
N GLU B 196 -34.65 3.92 21.29
CA GLU B 196 -34.09 3.37 22.52
C GLU B 196 -32.60 3.68 22.63
N TYR B 197 -31.87 3.46 21.54
CA TYR B 197 -30.43 3.68 21.54
C TYR B 197 -30.08 5.16 21.35
N SER B 198 -28.82 5.50 21.62
CA SER B 198 -28.33 6.86 21.43
C SER B 198 -27.06 6.85 20.60
N ALA B 199 -26.51 8.03 20.37
CA ALA B 199 -25.29 8.16 19.57
C ALA B 199 -24.08 7.59 20.30
N SER B 200 -24.09 7.71 21.62
CA SER B 200 -22.97 7.23 22.43
C SER B 200 -22.81 5.71 22.36
N GLN B 201 -23.87 5.03 21.94
CA GLN B 201 -23.87 3.58 21.86
C GLN B 201 -23.31 3.08 20.54
N LEU B 202 -22.86 4.00 19.69
CA LEU B 202 -22.29 3.64 18.40
C LEU B 202 -20.93 2.97 18.56
N LYS B 203 -20.69 1.94 17.76
CA LYS B 203 -19.42 1.24 17.78
C LYS B 203 -18.32 2.13 17.21
N GLY B 204 -17.28 2.35 18.00
CA GLY B 204 -16.16 3.19 17.60
C GLY B 204 -16.41 4.65 17.94
N PHE B 205 -17.47 4.91 18.70
CA PHE B 205 -17.82 6.27 19.09
C PHE B 205 -16.76 6.88 20.00
N SER B 206 -16.17 6.04 20.86
CA SER B 206 -15.19 6.50 21.83
C SER B 206 -13.96 7.11 21.15
N LEU B 207 -13.72 6.72 19.91
CA LEU B 207 -12.53 7.18 19.18
C LEU B 207 -12.79 8.46 18.39
N LEU B 208 -13.89 9.13 18.71
CA LEU B 208 -14.24 10.38 18.03
C LEU B 208 -13.77 11.60 18.83
N ALA B 209 -13.74 12.74 18.17
CA ALA B 209 -13.36 13.99 18.83
C ALA B 209 -14.54 14.52 19.64
N THR B 210 -14.25 15.44 20.57
CA THR B 210 -15.28 15.99 21.43
C THR B 210 -16.36 16.74 20.64
N GLU B 211 -15.93 17.66 19.78
CA GLU B 211 -16.87 18.44 18.98
C GLU B 211 -17.69 17.55 18.06
N ASP B 212 -17.21 16.33 17.82
CA ASP B 212 -17.91 15.38 16.97
C ASP B 212 -18.85 14.50 17.80
N LYS B 213 -18.39 14.07 18.97
CA LYS B 213 -19.22 13.29 19.87
C LYS B 213 -20.53 14.02 20.15
N GLU B 214 -20.41 15.21 20.74
CA GLU B 214 -21.55 16.01 21.12
C GLU B 214 -22.42 16.37 19.92
N ALA B 215 -21.79 16.44 18.75
CA ALA B 215 -22.51 16.75 17.52
C ALA B 215 -23.50 15.64 17.16
N LEU B 216 -23.09 14.40 17.42
CA LEU B 216 -23.93 13.25 17.13
C LEU B 216 -24.95 13.02 18.25
N LYS B 217 -24.60 13.44 19.46
CA LYS B 217 -25.48 13.29 20.61
C LYS B 217 -26.76 14.11 20.45
N LYS B 218 -26.64 15.25 19.77
CA LYS B 218 -27.78 16.11 19.52
C LYS B 218 -28.58 15.63 18.32
N GLN B 219 -27.92 14.86 17.45
CA GLN B 219 -28.58 14.35 16.24
C GLN B 219 -29.19 12.98 16.47
N LEU B 220 -28.62 12.24 17.41
CA LEU B 220 -29.11 10.91 17.75
C LEU B 220 -29.35 10.76 19.25
N PRO B 221 -30.38 11.45 19.78
CA PRO B 221 -30.72 11.41 21.20
C PRO B 221 -31.25 10.05 21.62
N GLY B 222 -31.17 9.75 22.91
CA GLY B 222 -31.69 8.50 23.44
C GLY B 222 -33.18 8.57 23.65
N VAL B 223 -33.61 8.43 24.89
CA VAL B 223 -35.04 8.49 25.23
C VAL B 223 -35.25 8.96 26.67
N ASP C 27 22.19 20.93 -20.21
CA ASP C 27 23.20 21.66 -19.45
C ASP C 27 22.79 23.12 -19.26
N LYS C 28 21.50 23.34 -19.01
CA LYS C 28 20.98 24.68 -18.77
C LYS C 28 20.66 24.89 -17.30
N LEU C 29 20.50 26.15 -16.91
CA LEU C 29 20.26 26.50 -15.50
C LEU C 29 18.91 25.99 -15.00
N TYR C 30 17.94 25.90 -15.90
CA TYR C 30 16.59 25.48 -15.51
C TYR C 30 16.10 24.32 -16.37
N ARG C 31 15.04 23.65 -15.89
CA ARG C 31 14.40 22.58 -16.64
C ARG C 31 12.91 22.54 -16.35
N VAL C 32 12.12 22.14 -17.35
CA VAL C 32 10.68 22.02 -17.18
C VAL C 32 10.14 20.78 -17.90
N GLU C 33 9.15 20.15 -17.29
CA GLU C 33 8.54 18.96 -17.87
C GLU C 33 7.30 18.54 -17.10
N TYR C 34 6.64 17.48 -17.57
CA TYR C 34 5.49 16.93 -16.88
C TYR C 34 5.97 15.84 -15.93
N ALA C 35 5.71 16.02 -14.64
CA ALA C 35 6.18 15.10 -13.60
C ALA C 35 6.16 13.65 -14.08
N LYS C 36 7.34 13.08 -14.25
CA LYS C 36 7.45 11.68 -14.67
C LYS C 36 6.82 10.77 -13.63
N SER C 37 6.69 11.28 -12.41
CA SER C 37 6.08 10.52 -11.32
C SER C 37 5.57 11.46 -10.25
N GLY C 38 4.65 10.97 -9.43
CA GLY C 38 4.04 11.79 -8.39
C GLY C 38 4.77 11.72 -7.06
N ARG C 39 6.03 11.30 -7.09
CA ARG C 39 6.82 11.23 -5.86
C ARG C 39 7.71 12.46 -5.66
N ALA C 40 7.62 13.39 -6.61
CA ALA C 40 8.38 14.63 -6.52
C ALA C 40 7.83 15.49 -5.39
N SER C 41 8.62 16.45 -4.93
CA SER C 41 8.19 17.34 -3.85
C SER C 41 8.70 18.77 -4.02
N CYS C 42 7.76 19.71 -4.00
CA CYS C 42 8.11 21.13 -4.11
C CYS C 42 9.03 21.55 -2.97
N LYS C 43 10.08 22.30 -3.30
CA LYS C 43 11.03 22.76 -2.30
C LYS C 43 10.53 24.00 -1.55
N LYS C 44 9.39 24.52 -1.98
CA LYS C 44 8.80 25.70 -1.36
C LYS C 44 7.79 25.34 -0.28
N CYS C 45 6.70 24.69 -0.69
CA CYS C 45 5.64 24.32 0.24
C CYS C 45 5.80 22.90 0.77
N SER C 46 6.81 22.19 0.26
CA SER C 46 7.09 20.83 0.68
C SER C 46 5.90 19.90 0.43
N GLU C 47 5.14 20.18 -0.62
CA GLU C 47 4.00 19.36 -0.98
C GLU C 47 4.33 18.45 -2.18
N SER C 48 3.52 17.42 -2.36
CA SER C 48 3.72 16.49 -3.47
C SER C 48 3.37 17.13 -4.80
N ILE C 49 3.81 16.51 -5.90
CA ILE C 49 3.52 17.01 -7.24
C ILE C 49 2.85 15.93 -8.07
N PRO C 50 1.67 16.24 -8.62
CA PRO C 50 0.87 15.31 -9.44
C PRO C 50 1.69 14.60 -10.51
N LYS C 51 1.20 13.45 -10.96
CA LYS C 51 1.93 12.60 -11.90
C LYS C 51 2.03 13.20 -13.30
N ASP C 52 1.46 14.38 -13.49
CA ASP C 52 1.50 15.04 -14.80
C ASP C 52 1.42 16.56 -14.69
N SER C 53 1.61 17.08 -13.48
CA SER C 53 1.58 18.51 -13.25
C SER C 53 2.77 19.20 -13.89
N LEU C 54 2.65 20.51 -14.10
CA LEU C 54 3.74 21.29 -14.68
C LEU C 54 4.73 21.72 -13.59
N ARG C 55 5.88 21.06 -13.57
CA ARG C 55 6.90 21.33 -12.55
C ARG C 55 8.14 21.97 -13.18
N MET C 56 8.70 22.95 -12.47
CA MET C 56 9.93 23.59 -12.92
C MET C 56 11.01 23.46 -11.84
N ALA C 57 12.20 23.04 -12.24
CA ALA C 57 13.28 22.84 -11.29
C ALA C 57 14.45 23.78 -11.53
N ILE C 58 15.25 23.99 -10.49
CA ILE C 58 16.47 24.77 -10.59
C ILE C 58 17.66 23.83 -10.46
N MET C 59 18.54 23.84 -11.46
CA MET C 59 19.70 22.96 -11.46
C MET C 59 20.78 23.45 -10.49
N VAL C 60 21.10 22.62 -9.50
CA VAL C 60 22.09 22.97 -8.49
C VAL C 60 23.19 21.93 -8.44
N GLN C 61 24.39 22.35 -8.04
CA GLN C 61 25.53 21.44 -7.94
C GLN C 61 25.33 20.44 -6.80
N SER C 62 25.78 19.22 -6.99
CA SER C 62 25.67 18.20 -5.95
C SER C 62 27.03 17.92 -5.32
N PRO C 63 27.17 18.21 -4.02
CA PRO C 63 28.42 18.02 -3.28
C PRO C 63 28.73 16.53 -3.07
N MET C 64 27.97 15.66 -3.72
CA MET C 64 28.08 14.23 -3.47
C MET C 64 28.67 13.46 -4.66
N PHE C 65 28.71 14.09 -5.82
CA PHE C 65 29.23 13.41 -7.02
C PHE C 65 29.62 14.37 -8.14
N ASP C 66 29.60 15.67 -7.85
CA ASP C 66 29.99 16.67 -8.83
C ASP C 66 29.12 16.60 -10.09
N GLY C 67 27.85 16.97 -9.94
CA GLY C 67 26.92 17.02 -11.04
C GLY C 67 25.70 17.84 -10.66
N LYS C 68 24.86 18.18 -11.64
CA LYS C 68 23.67 18.96 -11.35
C LYS C 68 22.50 18.08 -10.91
N VAL C 69 21.71 18.57 -9.94
CA VAL C 69 20.51 17.88 -9.49
C VAL C 69 19.32 18.81 -9.50
N PRO C 70 18.17 18.32 -9.97
CA PRO C 70 16.94 19.09 -10.07
C PRO C 70 16.33 19.45 -8.71
N HIS C 71 15.94 20.71 -8.55
CA HIS C 71 15.19 21.16 -7.39
C HIS C 71 13.77 21.52 -7.83
N TRP C 72 12.87 20.54 -7.78
CA TRP C 72 11.53 20.71 -8.32
C TRP C 72 10.63 21.64 -7.51
N TYR C 73 9.84 22.43 -8.22
CA TYR C 73 8.87 23.33 -7.61
C TYR C 73 7.53 23.19 -8.32
N HIS C 74 6.46 23.65 -7.67
CA HIS C 74 5.18 23.77 -8.35
C HIS C 74 5.27 24.95 -9.30
N PHE C 75 4.42 24.96 -10.34
CA PHE C 75 4.45 26.04 -11.31
C PHE C 75 4.29 27.39 -10.62
N SER C 76 3.43 27.43 -9.59
CA SER C 76 3.21 28.66 -8.84
C SER C 76 4.30 28.87 -7.79
N CYS C 77 4.77 27.77 -7.22
CA CYS C 77 5.81 27.83 -6.19
C CYS C 77 7.16 28.24 -6.77
N PHE C 78 7.36 27.99 -8.05
CA PHE C 78 8.62 28.28 -8.72
C PHE C 78 8.92 29.79 -8.75
N TRP C 79 7.95 30.56 -9.24
CA TRP C 79 8.13 32.01 -9.37
C TRP C 79 8.02 32.69 -8.01
N LYS C 80 7.68 31.91 -6.98
CA LYS C 80 7.53 32.44 -5.64
C LYS C 80 8.86 32.61 -4.94
N VAL C 81 9.78 31.69 -5.20
CA VAL C 81 11.11 31.71 -4.60
C VAL C 81 12.05 32.65 -5.35
N GLY C 82 11.48 33.53 -6.16
CA GLY C 82 12.25 34.48 -6.93
C GLY C 82 13.03 33.84 -8.05
N HIS C 83 12.52 33.97 -9.27
CA HIS C 83 13.18 33.44 -10.45
C HIS C 83 12.88 34.29 -11.68
N SER C 84 13.56 35.42 -11.80
CA SER C 84 13.35 36.33 -12.91
C SER C 84 14.03 35.83 -14.18
N ILE C 85 13.24 35.18 -15.04
CA ILE C 85 13.77 34.66 -16.30
C ILE C 85 13.37 35.54 -17.47
N ARG C 86 14.36 36.02 -18.21
CA ARG C 86 14.11 36.87 -19.38
C ARG C 86 13.43 36.08 -20.50
N HIS C 87 14.19 35.21 -21.14
CA HIS C 87 13.66 34.39 -22.23
C HIS C 87 13.71 32.91 -21.88
N PRO C 88 12.59 32.37 -21.40
CA PRO C 88 12.47 30.97 -20.96
C PRO C 88 12.79 29.98 -22.06
N ASP C 89 12.37 30.27 -23.27
CA ASP C 89 12.55 29.36 -24.41
C ASP C 89 13.99 28.87 -24.57
N VAL C 90 14.95 29.68 -24.14
CA VAL C 90 16.36 29.32 -24.28
C VAL C 90 17.01 28.99 -22.94
N GLU C 91 16.63 29.72 -21.90
CA GLU C 91 17.20 29.52 -20.58
C GLU C 91 16.72 28.22 -19.95
N VAL C 92 15.48 27.85 -20.23
CA VAL C 92 14.89 26.63 -19.68
C VAL C 92 15.08 25.45 -20.61
N ASP C 93 15.52 24.31 -20.05
CA ASP C 93 15.77 23.11 -20.82
C ASP C 93 14.50 22.28 -20.98
N GLY C 94 14.24 21.83 -22.20
CA GLY C 94 13.06 21.03 -22.47
C GLY C 94 11.84 21.89 -22.73
N PHE C 95 12.07 23.19 -22.91
CA PHE C 95 10.98 24.14 -23.15
C PHE C 95 10.25 23.83 -24.46
N SER C 96 11.02 23.48 -25.49
CA SER C 96 10.45 23.23 -26.81
C SER C 96 9.75 21.88 -26.88
N GLU C 97 9.62 21.20 -25.74
CA GLU C 97 8.90 19.92 -25.70
C GLU C 97 7.47 20.09 -25.18
N LEU C 98 7.23 21.16 -24.43
CA LEU C 98 5.91 21.39 -23.85
C LEU C 98 4.89 21.87 -24.89
N ARG C 99 3.65 22.08 -24.45
CA ARG C 99 2.59 22.54 -25.32
C ARG C 99 2.61 24.06 -25.49
N TRP C 100 2.20 24.54 -26.65
CA TRP C 100 2.20 25.97 -26.94
C TRP C 100 1.40 26.76 -25.91
N ASP C 101 0.34 26.16 -25.40
CA ASP C 101 -0.51 26.81 -24.41
C ASP C 101 0.26 27.08 -23.13
N ASP C 102 1.08 26.12 -22.71
CA ASP C 102 1.89 26.25 -21.50
C ASP C 102 3.17 27.04 -21.77
N GLN C 103 3.75 26.83 -22.95
CA GLN C 103 4.97 27.53 -23.34
C GLN C 103 4.78 29.04 -23.27
N GLN C 104 3.58 29.50 -23.62
CA GLN C 104 3.25 30.91 -23.57
C GLN C 104 2.81 31.32 -22.16
N LYS C 105 2.19 30.38 -21.45
CA LYS C 105 1.78 30.63 -20.06
C LYS C 105 3.01 30.78 -19.18
N VAL C 106 4.12 30.18 -19.62
CA VAL C 106 5.39 30.31 -18.92
C VAL C 106 6.10 31.59 -19.34
N LYS C 107 6.10 31.85 -20.65
CA LYS C 107 6.72 33.05 -21.18
C LYS C 107 6.05 34.31 -20.64
N LYS C 108 4.74 34.21 -20.40
CA LYS C 108 3.97 35.33 -19.86
C LYS C 108 4.23 35.51 -18.38
N THR C 109 4.23 34.41 -17.64
CA THR C 109 4.49 34.44 -16.20
C THR C 109 5.92 34.87 -15.92
N ALA C 110 6.80 34.68 -16.90
CA ALA C 110 8.20 35.07 -16.75
C ALA C 110 8.41 36.53 -17.11
N GLU C 111 7.48 37.08 -17.89
CA GLU C 111 7.56 38.47 -18.31
C GLU C 111 7.10 39.42 -17.21
N LYS D 129 27.08 5.82 22.27
CA LYS D 129 27.47 6.49 21.04
C LYS D 129 27.21 5.62 19.81
N THR D 130 25.95 5.59 19.38
CA THR D 130 25.55 4.80 18.22
C THR D 130 25.98 5.46 16.91
N LEU D 131 26.55 4.67 16.01
CA LEU D 131 27.01 5.18 14.72
C LEU D 131 25.86 5.73 13.90
N GLY D 132 26.16 6.68 13.03
CA GLY D 132 25.14 7.32 12.21
C GLY D 132 25.03 6.73 10.82
N ASP D 133 26.15 6.30 10.27
CA ASP D 133 26.18 5.77 8.90
C ASP D 133 26.26 4.25 8.86
N PHE D 134 25.89 3.60 9.96
CA PHE D 134 25.86 2.15 10.03
C PHE D 134 24.61 1.69 10.79
N ALA D 135 23.70 1.04 10.08
CA ALA D 135 22.43 0.62 10.67
C ALA D 135 22.19 -0.88 10.53
N ALA D 136 21.26 -1.39 11.34
CA ALA D 136 20.89 -2.80 11.30
C ALA D 136 19.39 -2.97 11.46
N GLU D 137 18.80 -3.85 10.64
CA GLU D 137 17.36 -4.08 10.70
C GLU D 137 16.98 -5.37 10.00
N TYR D 138 15.71 -5.75 10.13
CA TYR D 138 15.20 -6.95 9.47
C TYR D 138 14.72 -6.62 8.07
N ALA D 139 15.09 -7.46 7.10
CA ALA D 139 14.73 -7.24 5.71
C ALA D 139 13.23 -6.99 5.56
N LYS D 140 12.87 -5.78 5.13
CA LYS D 140 11.48 -5.42 4.95
C LYS D 140 10.88 -6.12 3.75
N SER D 141 11.73 -6.75 2.95
CA SER D 141 11.28 -7.47 1.77
C SER D 141 12.35 -8.46 1.30
N ASN D 142 12.03 -9.22 0.26
CA ASN D 142 12.97 -10.19 -0.29
C ASN D 142 13.53 -9.73 -1.64
N ARG D 143 13.39 -8.44 -1.93
CA ARG D 143 13.88 -7.92 -3.19
C ARG D 143 15.06 -6.95 -3.03
N SER D 144 15.68 -6.97 -1.85
CA SER D 144 16.89 -6.19 -1.63
C SER D 144 18.12 -7.06 -1.87
N THR D 145 19.12 -6.51 -2.54
CA THR D 145 20.31 -7.27 -2.90
C THR D 145 21.51 -6.93 -2.00
N CYS D 146 22.17 -7.96 -1.51
CA CYS D 146 23.39 -7.79 -0.71
C CYS D 146 24.55 -7.39 -1.62
N LYS D 147 25.12 -6.21 -1.37
CA LYS D 147 26.20 -5.70 -2.20
C LYS D 147 27.55 -6.29 -1.81
N GLY D 148 27.51 -7.42 -1.11
CA GLY D 148 28.72 -8.11 -0.71
C GLY D 148 28.87 -9.44 -1.44
N CYS D 149 27.78 -9.90 -2.05
CA CYS D 149 27.77 -11.15 -2.78
C CYS D 149 26.81 -11.08 -3.97
N MET D 150 26.07 -9.98 -4.04
CA MET D 150 25.17 -9.71 -5.17
C MET D 150 24.00 -10.69 -5.27
N GLU D 151 23.60 -11.27 -4.15
CA GLU D 151 22.43 -12.14 -4.12
C GLU D 151 21.36 -11.60 -3.17
N LYS D 152 20.11 -11.94 -3.43
CA LYS D 152 18.98 -11.37 -2.69
C LYS D 152 19.00 -11.71 -1.21
N ILE D 153 18.43 -10.81 -0.40
CA ILE D 153 18.31 -11.01 1.03
C ILE D 153 16.86 -11.32 1.39
N GLU D 154 16.62 -12.53 1.86
CA GLU D 154 15.27 -12.97 2.20
C GLU D 154 14.65 -12.10 3.29
N LYS D 155 13.35 -11.87 3.20
CA LYS D 155 12.64 -11.04 4.16
C LYS D 155 12.74 -11.61 5.58
N GLY D 156 12.81 -10.72 6.56
CA GLY D 156 12.93 -11.14 7.95
C GLY D 156 14.36 -11.36 8.37
N GLN D 157 15.22 -11.67 7.40
CA GLN D 157 16.64 -11.88 7.66
C GLN D 157 17.30 -10.60 8.15
N VAL D 158 18.22 -10.74 9.09
CA VAL D 158 18.97 -9.59 9.60
C VAL D 158 19.92 -9.07 8.52
N ARG D 159 19.98 -7.75 8.36
CA ARG D 159 20.84 -7.14 7.36
C ARG D 159 21.50 -5.87 7.89
N LEU D 160 22.74 -5.64 7.45
CA LEU D 160 23.48 -4.44 7.83
C LEU D 160 23.63 -3.53 6.63
N SER D 161 24.00 -2.27 6.89
CA SER D 161 24.14 -1.29 5.81
C SER D 161 25.09 -0.18 6.18
N LYS D 162 25.52 0.59 5.18
CA LYS D 162 26.27 1.81 5.42
C LYS D 162 25.71 2.93 4.57
N LYS D 163 25.51 4.09 5.19
CA LYS D 163 24.98 5.25 4.49
C LYS D 163 26.02 5.83 3.55
N MET D 164 26.02 5.36 2.31
CA MET D 164 26.97 5.85 1.30
C MET D 164 26.28 6.13 -0.02
N VAL D 165 26.94 6.92 -0.86
CA VAL D 165 26.37 7.29 -2.16
C VAL D 165 26.52 6.16 -3.17
N ASP D 166 25.40 5.79 -3.80
CA ASP D 166 25.41 4.75 -4.83
C ASP D 166 25.97 5.29 -6.13
N PRO D 167 27.13 4.76 -6.55
CA PRO D 167 27.84 5.20 -7.76
C PRO D 167 26.97 5.17 -9.01
N GLU D 168 25.95 4.30 -9.01
CA GLU D 168 25.06 4.18 -10.17
C GLU D 168 23.93 5.19 -10.13
N LYS D 169 23.60 5.66 -8.93
CA LYS D 169 22.55 6.66 -8.75
C LYS D 169 22.93 7.68 -7.68
N PRO D 170 23.94 8.51 -7.97
CA PRO D 170 24.47 9.50 -7.02
C PRO D 170 23.51 10.67 -6.79
N GLN D 171 22.49 10.77 -7.63
CA GLN D 171 21.56 11.91 -7.56
C GLN D 171 20.56 11.78 -6.41
N LEU D 172 20.64 10.69 -5.66
CA LEU D 172 19.72 10.48 -4.55
C LEU D 172 20.13 11.21 -3.26
N GLY D 173 21.31 10.93 -2.72
CA GLY D 173 22.23 9.93 -3.24
C GLY D 173 22.85 9.15 -2.11
N MET D 174 22.98 9.79 -0.97
CA MET D 174 23.53 9.15 0.23
C MET D 174 22.48 8.23 0.85
N ILE D 175 22.45 6.98 0.38
CA ILE D 175 21.40 6.05 0.77
C ILE D 175 21.92 4.82 1.53
N ASP D 176 21.12 3.75 1.50
CA ASP D 176 21.44 2.52 2.19
C ASP D 176 21.84 1.40 1.23
N ARG D 177 23.01 0.82 1.45
CA ARG D 177 23.46 -0.34 0.71
C ARG D 177 23.61 -1.52 1.67
N TRP D 178 22.87 -2.58 1.43
CA TRP D 178 22.75 -3.67 2.40
C TRP D 178 23.68 -4.85 2.14
N TYR D 179 24.06 -5.52 3.22
CA TYR D 179 24.89 -6.71 3.14
C TYR D 179 24.39 -7.75 4.15
N HIS D 180 24.66 -9.02 3.88
CA HIS D 180 24.42 -10.05 4.89
C HIS D 180 25.36 -9.80 6.05
N PRO D 181 24.94 -10.17 7.27
CA PRO D 181 25.81 -9.99 8.45
C PRO D 181 27.19 -10.59 8.23
N GLY D 182 27.24 -11.70 7.49
CA GLY D 182 28.51 -12.34 7.17
C GLY D 182 29.29 -11.60 6.10
N CYS D 183 28.59 -11.19 5.05
CA CYS D 183 29.21 -10.44 3.96
C CYS D 183 29.73 -9.10 4.45
N PHE D 184 29.11 -8.58 5.51
CA PHE D 184 29.50 -7.29 6.07
C PHE D 184 30.80 -7.40 6.86
N VAL D 185 30.86 -8.37 7.76
CA VAL D 185 32.05 -8.58 8.59
C VAL D 185 33.24 -8.99 7.74
N LYS D 186 32.96 -9.60 6.59
CA LYS D 186 34.01 -10.02 5.67
C LYS D 186 34.67 -8.81 5.03
N ASN D 187 33.94 -7.68 5.00
CA ASN D 187 34.46 -6.44 4.44
C ASN D 187 34.45 -5.32 5.47
N ARG D 188 34.61 -5.68 6.73
CA ARG D 188 34.58 -4.73 7.83
C ARG D 188 35.58 -3.59 7.61
N GLU D 189 36.78 -3.94 7.16
CA GLU D 189 37.84 -2.97 6.95
C GLU D 189 37.52 -2.03 5.79
N GLU D 190 37.22 -2.61 4.63
CA GLU D 190 36.95 -1.82 3.43
C GLU D 190 35.70 -0.96 3.56
N LEU D 191 34.76 -1.40 4.39
CA LEU D 191 33.52 -0.66 4.61
C LEU D 191 33.71 0.47 5.62
N GLY D 192 34.88 0.51 6.25
CA GLY D 192 35.19 1.55 7.20
C GLY D 192 34.57 1.33 8.57
N PHE D 193 34.29 0.08 8.90
CA PHE D 193 33.76 -0.25 10.22
C PHE D 193 34.93 -0.51 11.18
N ARG D 194 35.54 0.57 11.65
CA ARG D 194 36.71 0.49 12.51
C ARG D 194 36.53 -0.49 13.66
N PRO D 195 37.62 -1.12 14.10
CA PRO D 195 37.62 -2.02 15.26
C PRO D 195 37.21 -1.28 16.52
N GLU D 196 37.24 0.05 16.46
CA GLU D 196 36.83 0.88 17.59
C GLU D 196 35.37 0.65 17.96
N TYR D 197 34.50 0.64 16.95
CA TYR D 197 33.07 0.47 17.18
C TYR D 197 32.71 -1.00 17.40
N SER D 198 31.50 -1.22 17.89
CA SER D 198 30.99 -2.57 18.08
C SER D 198 29.61 -2.72 17.44
N ALA D 199 29.02 -3.91 17.56
CA ALA D 199 27.71 -4.18 16.98
C ALA D 199 26.62 -3.41 17.71
N SER D 200 26.79 -3.22 19.01
CA SER D 200 25.79 -2.54 19.83
C SER D 200 25.63 -1.08 19.43
N GLN D 201 26.63 -0.55 18.73
CA GLN D 201 26.61 0.85 18.32
C GLN D 201 25.88 1.06 17.00
N LEU D 202 25.33 -0.02 16.46
CA LEU D 202 24.59 0.05 15.20
C LEU D 202 23.27 0.78 15.37
N LYS D 203 22.93 1.61 14.39
CA LYS D 203 21.66 2.33 14.40
C LYS D 203 20.50 1.37 14.21
N GLY D 204 19.57 1.38 15.16
CA GLY D 204 18.42 0.51 15.12
C GLY D 204 18.69 -0.84 15.75
N PHE D 205 19.85 -0.96 16.39
CA PHE D 205 20.25 -2.20 17.05
C PHE D 205 19.32 -2.56 18.20
N SER D 206 18.86 -1.53 18.91
CA SER D 206 18.00 -1.72 20.08
C SER D 206 16.70 -2.42 19.73
N LEU D 207 16.29 -2.33 18.46
CA LEU D 207 15.02 -2.89 18.02
C LEU D 207 15.17 -4.34 17.53
N LEU D 208 16.31 -4.95 17.85
CA LEU D 208 16.55 -6.33 17.44
C LEU D 208 16.19 -7.32 18.55
N ALA D 209 16.07 -8.59 18.18
CA ALA D 209 15.79 -9.63 19.16
C ALA D 209 17.06 -10.00 19.92
N THR D 210 16.89 -10.67 21.04
CA THR D 210 18.03 -11.05 21.88
C THR D 210 19.00 -11.98 21.15
N GLU D 211 18.45 -13.06 20.58
CA GLU D 211 19.27 -14.04 19.88
C GLU D 211 19.98 -13.41 18.68
N ASP D 212 19.46 -12.27 18.22
CA ASP D 212 20.05 -11.55 17.10
C ASP D 212 21.10 -10.55 17.57
N LYS D 213 20.79 -9.84 18.66
CA LYS D 213 21.74 -8.90 19.24
C LYS D 213 23.07 -9.59 19.52
N GLU D 214 23.01 -10.61 20.37
CA GLU D 214 24.22 -11.34 20.78
C GLU D 214 24.91 -11.98 19.59
N ALA D 215 24.13 -12.31 18.56
CA ALA D 215 24.68 -12.92 17.35
C ALA D 215 25.61 -11.95 16.63
N LEU D 216 25.24 -10.67 16.64
CA LEU D 216 26.03 -9.63 15.99
C LEU D 216 27.20 -9.20 16.89
N LYS D 217 27.00 -9.32 18.19
CA LYS D 217 28.04 -8.93 19.15
C LYS D 217 29.28 -9.80 19.02
N LYS D 218 29.07 -11.06 18.65
CA LYS D 218 30.18 -12.00 18.45
C LYS D 218 30.80 -11.83 17.07
N GLN D 219 30.04 -11.27 16.15
CA GLN D 219 30.52 -11.07 14.78
C GLN D 219 31.16 -9.69 14.61
N LEU D 220 30.73 -8.74 15.42
CA LEU D 220 31.26 -7.38 15.38
C LEU D 220 31.69 -6.90 16.76
N PRO D 221 32.78 -7.48 17.29
CA PRO D 221 33.31 -7.14 18.61
C PRO D 221 33.89 -5.73 18.64
N GLY D 222 33.97 -5.14 19.82
CA GLY D 222 34.57 -3.82 19.98
C GLY D 222 36.08 -3.89 20.00
N VAL D 223 36.67 -3.48 21.11
CA VAL D 223 38.13 -3.51 21.27
C VAL D 223 38.53 -3.64 22.73
ZN ZN G . -4.87 -24.05 1.05
ZN ZN H . -25.58 11.33 2.34
ZN ZN I . 4.93 23.90 -3.98
ZN ZN J . 25.72 -11.17 1.00
#